data_7FRI
#
_entry.id   7FRI
#
_cell.length_a   89.593
_cell.length_b   89.593
_cell.length_c   106.363
_cell.angle_alpha   90.000
_cell.angle_beta   90.000
_cell.angle_gamma   120.000
#
_symmetry.space_group_name_H-M   'P 31 2 1'
#
loop_
_entity.id
_entity.type
_entity.pdbx_description
1 polymer 'Tyrosine-protein phosphatase non-receptor type 1'
2 non-polymer 2-AMINO-2-HYDROXYMETHYL-PROPANE-1,3-DIOL
3 non-polymer "N-(4-methoxyphenyl)-N'-pyridin-4-ylurea"
4 water water
#
_entity_poly.entity_id   1
_entity_poly.type   'polypeptide(L)'
_entity_poly.pdbx_seq_one_letter_code
;MEMEKEFEQIDKSGSWAAIYQDIRHEASDFPSRVAKLPKNKNRNRYRDVSPFDHSRIKLHQEDNDYINASLIKMEEAQRS
YILTQGPLPNTVGHFWEMVWEQKSRGVVMLNRVMEKGSLKCAQYWPQKEEKEMIFEDTNLKLTLISEDIKSYYTVRQLEL
ENLTTQETREILHFHYTTWPDFGVPESPASFLNFLFKVRESGSLSPEHGPVVVHCSAGIGRSGTFCLADTCLLLMDKRKD
PSSVDIKKVLLEMRKFRMGLIQTADQLRFSYLAVIEGAKFIMGDSSVQDQWKELSHEDLEPPPEHIPPPPRPPKRILEPH
N
;
_entity_poly.pdbx_strand_id   A
#
loop_
_chem_comp.id
_chem_comp.type
_chem_comp.name
_chem_comp.formula
JHJ non-polymer N-(4-methoxyphenyl)-N'-pyridin-4-ylurea 'C13 H13 N3 O2'
TRS non-polymer 2-AMINO-2-HYDROXYMETHYL-PROPANE-1,3-DIOL 'C4 H12 N O3 1'
#
# COMPACT_ATOMS: atom_id res chain seq x y z
N GLU A 2 24.79 4.27 10.30
CA GLU A 2 23.66 5.25 10.29
C GLU A 2 23.33 5.68 8.85
N MET A 3 22.04 5.69 8.54
CA MET A 3 21.47 5.86 7.17
C MET A 3 21.67 7.28 6.65
N GLU A 4 21.69 8.29 7.52
CA GLU A 4 21.93 9.70 7.13
C GLU A 4 23.29 9.82 6.43
N LYS A 5 24.29 9.11 6.95
CA LYS A 5 25.68 9.15 6.42
C LYS A 5 25.72 8.29 5.15
N GLU A 6 25.06 7.12 5.18
CA GLU A 6 24.92 6.22 4.01
C GLU A 6 24.22 6.99 2.86
N PHE A 7 23.26 7.85 3.18
CA PHE A 7 22.51 8.70 2.21
C PHE A 7 23.49 9.63 1.49
N GLU A 8 24.28 10.40 2.25
CA GLU A 8 25.22 11.41 1.67
C GLU A 8 26.23 10.71 0.76
N GLN A 9 26.77 9.57 1.22
CA GLN A 9 27.69 8.68 0.47
C GLN A 9 27.09 8.37 -0.91
N ILE A 10 25.91 7.76 -0.93
CA ILE A 10 25.29 7.27 -2.19
C ILE A 10 24.99 8.50 -3.06
N ASP A 11 24.52 9.57 -2.41
CA ASP A 11 24.09 10.81 -3.10
C ASP A 11 25.32 11.48 -3.72
N LYS A 12 26.33 11.80 -2.92
CA LYS A 12 27.61 12.41 -3.39
C LYS A 12 28.25 11.53 -4.46
N SER A 13 28.24 10.20 -4.32
CA SER A 13 28.82 9.28 -5.33
C SER A 13 27.85 8.99 -6.49
N GLY A 14 26.61 9.51 -6.44
CA GLY A 14 25.44 9.16 -7.31
C GLY A 14 25.31 7.66 -7.62
N SER A 15 25.30 6.82 -6.59
CA SER A 15 25.28 5.34 -6.70
C SER A 15 23.87 4.78 -6.44
N TRP A 16 22.82 5.59 -6.63
CA TRP A 16 21.43 5.13 -6.38
C TRP A 16 21.05 3.99 -7.33
N ALA A 17 21.38 4.10 -8.62
CA ALA A 17 21.03 3.05 -9.60
C ALA A 17 21.77 1.77 -9.23
N ALA A 18 22.98 1.87 -8.68
CA ALA A 18 23.84 0.72 -8.34
C ALA A 18 23.26 -0.05 -7.15
N ILE A 19 22.93 0.64 -6.05
CA ILE A 19 22.30 0.01 -4.86
C ILE A 19 20.97 -0.61 -5.30
N TYR A 20 20.17 0.13 -6.07
CA TYR A 20 18.85 -0.35 -6.54
C TYR A 20 19.02 -1.68 -7.26
N GLN A 21 20.04 -1.79 -8.11
CA GLN A 21 20.31 -3.03 -8.88
C GLN A 21 20.72 -4.16 -7.94
N ASP A 22 21.48 -3.86 -6.90
CA ASP A 22 21.93 -4.85 -5.88
C ASP A 22 20.69 -5.44 -5.19
N ILE A 23 19.71 -4.58 -4.89
CA ILE A 23 18.41 -5.00 -4.27
C ILE A 23 17.62 -5.87 -5.26
N ARG A 24 17.53 -5.45 -6.52
CA ARG A 24 16.82 -6.23 -7.57
C ARG A 24 17.40 -7.65 -7.61
N HIS A 25 18.72 -7.79 -7.54
CA HIS A 25 19.42 -9.08 -7.75
C HIS A 25 19.31 -9.94 -6.48
N GLU A 26 19.23 -9.33 -5.30
CA GLU A 26 19.14 -10.03 -3.99
C GLU A 26 17.69 -10.48 -3.70
N ALA A 27 16.71 -9.91 -4.40
CA ALA A 27 15.27 -10.10 -4.09
C ALA A 27 14.82 -11.53 -4.33
N SER A 28 13.94 -12.00 -3.47
CA SER A 28 13.29 -13.32 -3.48
C SER A 28 12.53 -13.51 -4.77
N ASP A 29 12.37 -14.76 -5.18
CA ASP A 29 11.51 -15.13 -6.31
C ASP A 29 10.73 -16.37 -5.90
N PHE A 30 9.43 -16.26 -5.81
CA PHE A 30 8.59 -17.40 -5.41
C PHE A 30 7.61 -17.65 -6.53
N PRO A 31 7.02 -18.84 -6.60
CA PRO A 31 6.00 -19.08 -7.58
C PRO A 31 4.79 -18.16 -7.44
N SER A 32 4.20 -17.80 -8.59
N SER A 32 4.18 -17.83 -8.57
CA SER A 32 2.94 -17.05 -8.76
CA SER A 32 2.91 -17.08 -8.71
C SER A 32 2.05 -17.82 -9.74
C SER A 32 2.04 -17.81 -9.72
N ARG A 33 1.78 -19.10 -9.44
CA ARG A 33 1.05 -20.00 -10.38
C ARG A 33 -0.40 -19.56 -10.45
N VAL A 34 -1.04 -19.29 -9.31
CA VAL A 34 -2.48 -18.95 -9.36
C VAL A 34 -2.70 -17.69 -10.23
N ALA A 35 -1.84 -16.68 -10.12
CA ALA A 35 -1.98 -15.40 -10.87
C ALA A 35 -1.95 -15.69 -12.38
N LYS A 36 -1.17 -16.66 -12.83
CA LYS A 36 -0.90 -16.90 -14.28
C LYS A 36 -1.95 -17.85 -14.88
N LEU A 37 -2.89 -18.39 -14.12
CA LEU A 37 -3.98 -19.22 -14.70
C LEU A 37 -4.73 -18.37 -15.72
N PRO A 38 -5.08 -18.95 -16.89
CA PRO A 38 -5.81 -18.22 -17.93
C PRO A 38 -7.13 -17.60 -17.45
N LYS A 39 -7.86 -18.27 -16.57
CA LYS A 39 -9.11 -17.73 -16.02
C LYS A 39 -8.87 -16.46 -15.16
N ASN A 40 -7.63 -16.11 -14.82
CA ASN A 40 -7.32 -14.97 -13.93
C ASN A 40 -6.72 -13.85 -14.77
N LYS A 41 -6.62 -14.02 -16.08
CA LYS A 41 -5.93 -13.05 -16.94
C LYS A 41 -6.60 -11.67 -16.79
N ASN A 42 -7.91 -11.61 -16.77
CA ASN A 42 -8.61 -10.31 -16.73
C ASN A 42 -8.72 -9.82 -15.26
N ARG A 43 -8.08 -10.46 -14.28
CA ARG A 43 -8.09 -9.97 -12.87
C ARG A 43 -6.79 -9.26 -12.58
N ASN A 44 -5.86 -9.19 -13.56
CA ASN A 44 -4.53 -8.55 -13.38
C ASN A 44 -4.40 -7.33 -14.27
N ARG A 45 -4.04 -6.20 -13.70
CA ARG A 45 -3.87 -4.95 -14.46
C ARG A 45 -2.61 -5.06 -15.30
N TYR A 46 -1.53 -5.63 -14.76
CA TYR A 46 -0.22 -5.71 -15.47
C TYR A 46 0.23 -7.17 -15.45
N ARG A 47 0.70 -7.67 -16.59
CA ARG A 47 0.98 -9.12 -16.74
C ARG A 47 2.27 -9.46 -15.98
N ASP A 48 3.14 -8.49 -15.72
CA ASP A 48 4.44 -8.71 -15.03
C ASP A 48 4.33 -8.40 -13.51
N VAL A 49 3.13 -8.13 -12.98
CA VAL A 49 2.98 -7.86 -11.53
C VAL A 49 1.97 -8.82 -10.95
N SER A 50 2.48 -9.77 -10.20
CA SER A 50 1.70 -10.93 -9.70
C SER A 50 2.00 -11.11 -8.23
N PRO A 51 0.98 -11.50 -7.44
CA PRO A 51 1.21 -11.92 -6.08
C PRO A 51 1.86 -13.31 -6.09
N PHE A 52 2.76 -13.53 -5.16
CA PHE A 52 3.28 -14.89 -4.86
C PHE A 52 2.13 -15.73 -4.33
N ASP A 53 2.11 -17.02 -4.67
CA ASP A 53 1.07 -17.94 -4.12
C ASP A 53 1.11 -17.93 -2.59
N HIS A 54 2.28 -17.91 -1.97
CA HIS A 54 2.37 -18.16 -0.51
C HIS A 54 1.75 -17.01 0.29
N SER A 55 1.73 -15.78 -0.23
CA SER A 55 1.30 -14.58 0.54
C SER A 55 0.04 -13.96 -0.08
N ARG A 56 -0.58 -14.60 -1.08
CA ARG A 56 -1.69 -13.96 -1.81
C ARG A 56 -2.90 -13.93 -0.87
N ILE A 57 -3.75 -12.91 -1.00
CA ILE A 57 -5.06 -12.86 -0.30
C ILE A 57 -6.04 -13.72 -1.08
N LYS A 58 -6.74 -14.58 -0.39
CA LYS A 58 -7.81 -15.39 -1.03
C LYS A 58 -9.16 -14.77 -0.73
N LEU A 59 -9.98 -14.59 -1.74
CA LEU A 59 -11.41 -14.27 -1.53
C LEU A 59 -12.14 -15.52 -1.02
N HIS A 60 -13.11 -15.34 -0.12
CA HIS A 60 -13.99 -16.43 0.39
C HIS A 60 -15.16 -16.65 -0.58
N GLN A 61 -14.92 -16.85 -1.87
CA GLN A 61 -15.97 -17.22 -2.86
C GLN A 61 -15.43 -18.51 -3.50
N GLU A 62 -16.28 -19.52 -3.69
CA GLU A 62 -15.86 -20.91 -4.08
C GLU A 62 -15.44 -20.92 -5.55
N ASP A 63 -16.14 -20.15 -6.35
CA ASP A 63 -15.97 -20.02 -7.82
C ASP A 63 -14.48 -19.75 -8.12
N ASN A 64 -14.01 -18.56 -7.76
CA ASN A 64 -12.64 -18.06 -8.07
C ASN A 64 -12.18 -17.20 -6.90
N ASP A 65 -11.17 -17.63 -6.17
CA ASP A 65 -10.73 -16.96 -4.92
C ASP A 65 -9.67 -15.90 -5.24
N TYR A 66 -9.40 -15.61 -6.51
CA TYR A 66 -8.18 -14.84 -6.87
C TYR A 66 -8.45 -13.32 -6.90
N ILE A 67 -7.54 -12.59 -6.24
CA ILE A 67 -7.38 -11.13 -6.39
C ILE A 67 -5.88 -10.86 -6.39
N ASN A 68 -5.47 -9.85 -7.15
CA ASN A 68 -4.09 -9.38 -7.17
C ASN A 68 -3.85 -8.57 -5.89
N ALA A 69 -3.49 -9.28 -4.82
CA ALA A 69 -3.27 -8.68 -3.50
C ALA A 69 -2.37 -9.62 -2.70
N SER A 70 -1.51 -9.05 -1.89
CA SER A 70 -0.50 -9.75 -1.06
C SER A 70 -0.60 -9.24 0.40
N LEU A 71 -0.47 -10.15 1.34
CA LEU A 71 -0.27 -9.85 2.78
C LEU A 71 1.23 -9.71 3.07
N ILE A 72 1.64 -8.52 3.52
N ILE A 72 1.64 -8.49 3.41
CA ILE A 72 3.02 -8.22 3.97
CA ILE A 72 3.00 -8.20 3.96
C ILE A 72 3.03 -8.20 5.51
C ILE A 72 2.84 -8.34 5.49
N LYS A 73 3.62 -9.23 6.11
CA LYS A 73 3.65 -9.45 7.57
C LYS A 73 5.01 -9.05 8.09
N MET A 74 5.12 -7.95 8.84
CA MET A 74 6.41 -7.50 9.41
C MET A 74 6.38 -7.86 10.91
N GLU A 75 6.85 -9.06 11.20
CA GLU A 75 6.80 -9.72 12.54
C GLU A 75 7.40 -8.82 13.63
N GLU A 76 8.63 -8.36 13.45
CA GLU A 76 9.28 -7.54 14.50
C GLU A 76 8.49 -6.25 14.75
N ALA A 77 7.94 -5.60 13.70
CA ALA A 77 7.25 -4.30 13.83
C ALA A 77 5.79 -4.50 14.27
N GLN A 78 5.30 -5.74 14.20
N GLN A 78 5.34 -5.76 14.28
CA GLN A 78 3.89 -6.08 14.56
CA GLN A 78 3.91 -6.16 14.50
C GLN A 78 2.95 -5.29 13.64
C GLN A 78 3.01 -5.24 13.66
N ARG A 79 3.31 -5.16 12.37
CA ARG A 79 2.52 -4.42 11.37
C ARG A 79 2.22 -5.41 10.25
N SER A 80 0.99 -5.41 9.77
N SER A 80 1.01 -5.37 9.72
CA SER A 80 0.59 -6.12 8.53
CA SER A 80 0.63 -6.14 8.50
C SER A 80 0.04 -5.09 7.54
C SER A 80 -0.14 -5.23 7.53
N TYR A 81 0.16 -5.38 6.24
CA TYR A 81 -0.41 -4.55 5.17
C TYR A 81 -0.88 -5.48 4.09
N ILE A 82 -1.99 -5.14 3.45
CA ILE A 82 -2.39 -5.76 2.18
C ILE A 82 -1.98 -4.77 1.11
N LEU A 83 -1.17 -5.20 0.17
CA LEU A 83 -0.84 -4.35 -1.00
C LEU A 83 -1.56 -4.96 -2.20
N THR A 84 -2.21 -4.11 -2.98
CA THR A 84 -3.03 -4.57 -4.10
C THR A 84 -2.90 -3.55 -5.24
N GLN A 85 -3.30 -3.96 -6.41
CA GLN A 85 -3.33 -3.07 -7.59
C GLN A 85 -4.56 -2.17 -7.47
N GLY A 86 -4.56 -1.07 -8.20
CA GLY A 86 -5.78 -0.28 -8.36
C GLY A 86 -6.81 -1.19 -9.00
N PRO A 87 -8.03 -1.28 -8.45
CA PRO A 87 -9.01 -2.16 -9.02
C PRO A 87 -9.33 -1.82 -10.49
N LEU A 88 -9.70 -2.85 -11.20
CA LEU A 88 -10.21 -2.82 -12.58
C LEU A 88 -11.73 -2.68 -12.55
N PRO A 89 -12.35 -2.26 -13.66
CA PRO A 89 -13.81 -2.20 -13.78
C PRO A 89 -14.45 -3.50 -13.32
N ASN A 90 -13.85 -4.63 -13.64
CA ASN A 90 -14.48 -5.93 -13.33
C ASN A 90 -14.02 -6.44 -11.95
N THR A 91 -13.12 -5.77 -11.22
CA THR A 91 -12.67 -6.30 -9.91
C THR A 91 -13.07 -5.37 -8.76
N VAL A 92 -13.87 -4.31 -9.00
CA VAL A 92 -14.26 -3.38 -7.90
C VAL A 92 -15.03 -4.16 -6.84
N GLY A 93 -15.90 -5.08 -7.21
CA GLY A 93 -16.66 -5.86 -6.22
C GLY A 93 -15.75 -6.79 -5.43
N HIS A 94 -14.74 -7.38 -6.07
CA HIS A 94 -13.74 -8.25 -5.40
C HIS A 94 -12.95 -7.45 -4.38
N PHE A 95 -12.58 -6.22 -4.76
CA PHE A 95 -11.79 -5.33 -3.89
C PHE A 95 -12.57 -5.12 -2.58
N TRP A 96 -13.85 -4.76 -2.67
CA TRP A 96 -14.62 -4.44 -1.45
C TRP A 96 -14.94 -5.74 -0.67
N GLU A 97 -15.05 -6.86 -1.36
CA GLU A 97 -15.21 -8.18 -0.69
C GLU A 97 -13.96 -8.46 0.15
N MET A 98 -12.78 -8.21 -0.41
CA MET A 98 -11.51 -8.40 0.33
C MET A 98 -11.49 -7.49 1.56
N VAL A 99 -11.86 -6.21 1.39
CA VAL A 99 -11.88 -5.25 2.53
C VAL A 99 -12.80 -5.82 3.64
N TRP A 100 -13.97 -6.27 3.25
CA TRP A 100 -14.96 -6.86 4.17
C TRP A 100 -14.34 -8.09 4.86
N GLU A 101 -13.85 -9.06 4.09
CA GLU A 101 -13.40 -10.39 4.63
C GLU A 101 -12.18 -10.22 5.53
N GLN A 102 -11.30 -9.26 5.24
CA GLN A 102 -10.05 -9.08 6.02
C GLN A 102 -10.26 -8.12 7.20
N LYS A 103 -11.46 -7.54 7.36
CA LYS A 103 -11.81 -6.64 8.50
C LYS A 103 -10.93 -5.40 8.54
N SER A 104 -10.46 -4.97 7.38
CA SER A 104 -9.71 -3.72 7.24
C SER A 104 -10.57 -2.53 7.69
N ARG A 105 -9.93 -1.56 8.35
N ARG A 105 -9.92 -1.53 8.25
CA ARG A 105 -10.51 -0.27 8.78
CA ARG A 105 -10.53 -0.28 8.77
C ARG A 105 -10.26 0.77 7.68
C ARG A 105 -10.18 0.88 7.81
N GLY A 106 -9.06 0.78 7.11
CA GLY A 106 -8.57 1.84 6.21
C GLY A 106 -8.18 1.30 4.85
N VAL A 107 -8.39 2.15 3.85
CA VAL A 107 -7.86 2.03 2.47
C VAL A 107 -7.00 3.22 2.21
N VAL A 108 -5.75 2.99 1.80
CA VAL A 108 -4.78 4.04 1.46
C VAL A 108 -4.54 4.02 -0.07
N MET A 109 -4.88 5.11 -0.75
CA MET A 109 -4.79 5.24 -2.22
C MET A 109 -3.74 6.29 -2.53
N LEU A 110 -2.71 5.94 -3.29
CA LEU A 110 -1.56 6.82 -3.52
C LEU A 110 -1.50 7.27 -4.98
N ASN A 111 -2.57 7.09 -5.73
CA ASN A 111 -2.61 7.53 -7.15
C ASN A 111 -3.87 8.36 -7.37
N ARG A 112 -3.90 9.09 -8.50
CA ARG A 112 -5.14 9.68 -9.06
C ARG A 112 -5.72 8.67 -10.02
N VAL A 113 -7.01 8.74 -10.27
CA VAL A 113 -7.73 7.81 -11.18
C VAL A 113 -7.18 7.97 -12.61
N MET A 114 -6.84 9.22 -12.96
CA MET A 114 -6.23 9.48 -14.27
C MET A 114 -4.85 10.09 -14.03
N GLU A 115 -3.84 9.49 -14.61
CA GLU A 115 -2.50 10.10 -14.60
C GLU A 115 -1.89 9.90 -16.00
N LYS A 116 -1.08 10.85 -16.44
CA LYS A 116 -0.50 10.81 -17.82
C LYS A 116 -1.56 10.51 -18.87
N GLY A 117 -2.77 11.06 -18.73
CA GLY A 117 -3.87 10.89 -19.71
C GLY A 117 -4.43 9.50 -19.86
N SER A 118 -4.15 8.56 -18.95
CA SER A 118 -4.67 7.16 -18.96
C SER A 118 -5.33 6.80 -17.61
N LEU A 119 -6.21 5.83 -17.58
CA LEU A 119 -6.88 5.45 -16.31
C LEU A 119 -5.93 4.50 -15.56
N LYS A 120 -5.58 4.85 -14.34
CA LYS A 120 -4.66 4.06 -13.47
C LYS A 120 -5.44 3.14 -12.52
N CYS A 121 -6.75 3.33 -12.46
CA CYS A 121 -7.65 2.79 -11.44
C CYS A 121 -9.10 3.07 -11.84
N ALA A 122 -10.01 2.15 -11.58
CA ALA A 122 -11.45 2.39 -11.62
C ALA A 122 -11.86 3.31 -10.46
N GLN A 123 -12.91 4.07 -10.68
CA GLN A 123 -13.58 4.92 -9.68
C GLN A 123 -14.35 3.94 -8.80
N TYR A 124 -13.83 3.53 -7.64
CA TYR A 124 -14.38 2.37 -6.90
C TYR A 124 -15.16 2.84 -5.67
N TRP A 125 -15.31 4.15 -5.50
CA TRP A 125 -16.07 4.74 -4.36
C TRP A 125 -17.02 5.81 -4.87
N PRO A 126 -18.12 6.09 -4.15
CA PRO A 126 -19.13 7.04 -4.59
C PRO A 126 -18.62 8.49 -4.50
N GLN A 127 -19.08 9.32 -5.42
CA GLN A 127 -18.64 10.74 -5.52
C GLN A 127 -19.62 11.63 -4.75
N LYS A 128 -20.81 11.13 -4.43
CA LYS A 128 -21.82 11.95 -3.72
C LYS A 128 -22.54 11.11 -2.69
N GLU A 129 -22.91 11.74 -1.57
CA GLU A 129 -23.69 11.11 -0.47
C GLU A 129 -24.90 10.35 -1.03
N GLU A 130 -25.70 11.01 -1.88
CA GLU A 130 -27.04 10.48 -2.27
C GLU A 130 -26.92 9.44 -3.40
N LYS A 131 -25.73 9.16 -3.93
CA LYS A 131 -25.56 8.17 -5.04
C LYS A 131 -24.66 7.03 -4.57
N GLU A 132 -25.21 6.09 -3.82
CA GLU A 132 -24.45 4.94 -3.28
C GLU A 132 -24.14 3.96 -4.42
N MET A 133 -23.20 3.04 -4.21
CA MET A 133 -22.83 2.02 -5.23
C MET A 133 -23.23 0.67 -4.66
N ILE A 134 -23.80 -0.16 -5.52
CA ILE A 134 -24.12 -1.57 -5.19
C ILE A 134 -23.21 -2.44 -6.07
N PHE A 135 -22.54 -3.42 -5.48
CA PHE A 135 -21.71 -4.42 -6.19
C PHE A 135 -22.54 -5.69 -6.19
N GLU A 136 -23.23 -5.94 -7.30
CA GLU A 136 -24.21 -7.07 -7.38
C GLU A 136 -23.46 -8.40 -7.23
N ASP A 137 -22.29 -8.51 -7.86
CA ASP A 137 -21.49 -9.75 -7.86
C ASP A 137 -21.11 -10.09 -6.41
N THR A 138 -20.82 -9.13 -5.53
CA THR A 138 -20.37 -9.51 -4.17
C THR A 138 -21.37 -9.12 -3.08
N ASN A 139 -22.51 -8.53 -3.45
CA ASN A 139 -23.63 -8.31 -2.49
C ASN A 139 -23.24 -7.31 -1.41
N LEU A 140 -22.63 -6.20 -1.81
CA LEU A 140 -22.15 -5.14 -0.90
C LEU A 140 -22.70 -3.81 -1.40
N LYS A 141 -22.93 -2.92 -0.46
CA LYS A 141 -23.36 -1.55 -0.73
C LYS A 141 -22.38 -0.62 -0.05
N LEU A 142 -22.03 0.43 -0.75
CA LEU A 142 -21.02 1.40 -0.31
C LEU A 142 -21.62 2.80 -0.39
N THR A 143 -21.55 3.56 0.69
CA THR A 143 -22.10 4.93 0.77
C THR A 143 -21.03 5.90 1.22
N LEU A 144 -20.91 7.03 0.56
CA LEU A 144 -20.07 8.13 1.03
C LEU A 144 -20.84 8.82 2.17
N ILE A 145 -20.21 8.93 3.34
CA ILE A 145 -20.79 9.55 4.56
C ILE A 145 -20.27 10.97 4.65
N SER A 146 -18.98 11.17 4.47
CA SER A 146 -18.37 12.50 4.49
C SER A 146 -17.02 12.46 3.77
N GLU A 147 -16.57 13.63 3.42
CA GLU A 147 -15.37 13.83 2.58
C GLU A 147 -14.71 15.09 3.10
N ASP A 148 -13.44 15.05 3.43
CA ASP A 148 -12.68 16.19 3.95
C ASP A 148 -11.50 16.38 3.00
N ILE A 149 -11.56 17.38 2.13
CA ILE A 149 -10.56 17.66 1.08
C ILE A 149 -9.55 18.65 1.62
N LYS A 150 -8.28 18.28 1.69
CA LYS A 150 -7.18 19.20 2.03
C LYS A 150 -6.27 19.32 0.83
N SER A 151 -5.21 20.11 0.96
CA SER A 151 -4.31 20.50 -0.16
C SER A 151 -3.64 19.26 -0.75
N TYR A 152 -3.17 18.34 0.08
CA TYR A 152 -2.24 17.23 -0.29
C TYR A 152 -2.99 15.89 -0.31
N TYR A 153 -4.13 15.80 0.37
CA TYR A 153 -4.86 14.51 0.55
C TYR A 153 -6.33 14.80 0.88
N THR A 154 -7.15 13.80 0.67
CA THR A 154 -8.59 13.77 1.00
C THR A 154 -8.82 12.58 1.93
N VAL A 155 -9.64 12.76 2.95
CA VAL A 155 -10.09 11.64 3.79
C VAL A 155 -11.57 11.53 3.56
N ARG A 156 -12.03 10.32 3.36
CA ARG A 156 -13.46 10.06 3.18
C ARG A 156 -13.86 9.01 4.20
N GLN A 157 -15.01 9.21 4.83
N GLN A 157 -15.09 9.16 4.67
CA GLN A 157 -15.70 8.19 5.65
CA GLN A 157 -15.76 8.25 5.63
C GLN A 157 -16.71 7.49 4.75
C GLN A 157 -16.81 7.49 4.82
N LEU A 158 -16.68 6.16 4.74
CA LEU A 158 -17.54 5.34 3.87
C LEU A 158 -18.25 4.36 4.78
N GLU A 159 -19.46 3.99 4.41
CA GLU A 159 -20.15 2.89 5.08
C GLU A 159 -20.24 1.76 4.08
N LEU A 160 -19.77 0.60 4.51
CA LEU A 160 -19.81 -0.63 3.73
C LEU A 160 -20.83 -1.52 4.40
N GLU A 161 -21.79 -1.99 3.64
CA GLU A 161 -22.90 -2.81 4.16
C GLU A 161 -22.90 -4.14 3.45
N ASN A 162 -22.91 -5.20 4.24
CA ASN A 162 -23.06 -6.57 3.69
C ASN A 162 -24.54 -6.82 3.50
N LEU A 163 -25.03 -6.82 2.27
CA LEU A 163 -26.47 -6.89 1.97
C LEU A 163 -27.01 -8.26 2.42
N THR A 164 -26.13 -9.26 2.52
CA THR A 164 -26.49 -10.66 2.88
C THR A 164 -26.88 -10.73 4.36
N THR A 165 -26.23 -9.96 5.24
CA THR A 165 -26.34 -10.07 6.71
C THR A 165 -26.75 -8.72 7.33
N GLN A 166 -26.79 -7.67 6.52
CA GLN A 166 -27.14 -6.30 6.96
C GLN A 166 -26.17 -5.79 8.04
N GLU A 167 -24.99 -6.38 8.22
CA GLU A 167 -23.93 -5.70 9.04
C GLU A 167 -23.37 -4.52 8.23
N THR A 168 -22.94 -3.50 8.92
CA THR A 168 -22.33 -2.30 8.32
C THR A 168 -21.02 -2.06 9.03
N ARG A 169 -20.04 -1.52 8.33
CA ARG A 169 -18.79 -1.06 8.96
C ARG A 169 -18.45 0.28 8.37
N GLU A 170 -17.73 1.05 9.15
CA GLU A 170 -17.19 2.33 8.70
C GLU A 170 -15.79 2.03 8.15
N ILE A 171 -15.52 2.46 6.94
CA ILE A 171 -14.17 2.38 6.32
C ILE A 171 -13.65 3.81 6.14
N LEU A 172 -12.39 4.04 6.42
CA LEU A 172 -11.72 5.32 6.14
C LEU A 172 -10.90 5.19 4.86
N HIS A 173 -11.14 6.08 3.92
CA HIS A 173 -10.40 6.18 2.64
C HIS A 173 -9.43 7.34 2.73
N PHE A 174 -8.14 7.05 2.70
CA PHE A 174 -7.07 8.04 2.75
C PHE A 174 -6.51 8.14 1.34
N HIS A 175 -6.71 9.28 0.72
CA HIS A 175 -6.38 9.47 -0.71
C HIS A 175 -5.30 10.51 -0.81
N TYR A 176 -4.06 10.11 -1.07
CA TYR A 176 -2.95 11.06 -1.30
C TYR A 176 -3.04 11.52 -2.76
N THR A 177 -3.26 12.81 -2.99
CA THR A 177 -3.73 13.32 -4.31
C THR A 177 -2.61 14.06 -5.04
N THR A 178 -1.43 14.24 -4.48
CA THR A 178 -0.43 15.19 -5.01
C THR A 178 0.87 14.50 -5.37
N TRP A 179 0.89 13.17 -5.46
CA TRP A 179 2.11 12.51 -5.98
C TRP A 179 2.23 12.91 -7.46
N PRO A 180 3.36 13.45 -7.91
CA PRO A 180 3.43 13.93 -9.29
C PRO A 180 3.40 12.79 -10.32
N ASP A 181 2.93 13.11 -11.53
CA ASP A 181 2.82 12.17 -12.68
C ASP A 181 4.17 11.51 -12.95
N PHE A 182 5.27 12.25 -12.82
CA PHE A 182 6.66 11.76 -13.05
C PHE A 182 7.49 11.97 -11.79
N GLY A 183 8.34 11.00 -11.48
CA GLY A 183 9.31 11.19 -10.38
C GLY A 183 8.64 11.10 -9.02
N VAL A 184 9.20 11.77 -8.03
CA VAL A 184 8.76 11.61 -6.62
C VAL A 184 8.57 13.02 -6.10
N PRO A 185 7.83 13.26 -5.00
CA PRO A 185 7.76 14.60 -4.41
C PRO A 185 9.17 15.13 -4.10
N GLU A 186 9.36 16.45 -4.21
CA GLU A 186 10.65 17.14 -3.94
C GLU A 186 10.98 16.97 -2.47
N SER A 187 9.99 17.24 -1.61
CA SER A 187 10.10 17.14 -0.13
C SER A 187 9.20 15.99 0.35
N PRO A 188 9.63 15.19 1.35
CA PRO A 188 8.76 14.21 1.98
C PRO A 188 7.81 14.74 3.05
N ALA A 189 7.70 16.05 3.25
CA ALA A 189 6.91 16.59 4.37
C ALA A 189 5.44 16.20 4.22
N SER A 190 4.85 16.37 3.04
CA SER A 190 3.38 16.15 2.93
C SER A 190 3.07 14.64 3.00
N PHE A 191 3.97 13.81 2.49
CA PHE A 191 3.86 12.33 2.58
C PHE A 191 3.92 11.87 4.05
N LEU A 192 4.85 12.40 4.85
CA LEU A 192 4.98 12.08 6.31
C LEU A 192 3.72 12.52 7.03
N ASN A 193 3.26 13.73 6.76
N ASN A 193 3.22 13.72 6.75
CA ASN A 193 2.00 14.26 7.37
CA ASN A 193 2.00 14.24 7.43
C ASN A 193 0.88 13.26 7.10
C ASN A 193 0.79 13.35 7.06
N PHE A 194 0.76 12.85 5.82
CA PHE A 194 -0.25 11.86 5.39
C PHE A 194 -0.06 10.56 6.17
N LEU A 195 1.16 10.04 6.21
CA LEU A 195 1.42 8.77 6.96
C LEU A 195 0.99 8.90 8.44
N PHE A 196 1.29 10.03 9.09
CA PHE A 196 0.92 10.24 10.53
C PHE A 196 -0.58 10.35 10.65
N LYS A 197 -1.25 10.90 9.66
CA LYS A 197 -2.73 10.96 9.70
C LYS A 197 -3.31 9.56 9.60
N VAL A 198 -2.73 8.69 8.77
CA VAL A 198 -3.27 7.30 8.70
C VAL A 198 -3.05 6.63 10.07
N ARG A 199 -1.89 6.80 10.64
CA ARG A 199 -1.57 6.18 11.95
C ARG A 199 -2.59 6.67 12.99
N GLU A 200 -2.83 7.98 13.04
CA GLU A 200 -3.72 8.59 14.06
C GLU A 200 -5.13 8.04 13.96
N SER A 201 -5.56 7.57 12.80
CA SER A 201 -6.94 7.08 12.60
C SER A 201 -7.16 5.75 13.31
N GLY A 202 -6.09 5.04 13.66
CA GLY A 202 -6.20 3.66 14.17
C GLY A 202 -6.24 2.60 13.08
N SER A 203 -6.13 2.98 11.82
CA SER A 203 -6.23 2.05 10.66
C SER A 203 -5.07 1.05 10.61
N LEU A 204 -3.93 1.39 11.22
CA LEU A 204 -2.69 0.55 11.20
C LEU A 204 -2.54 -0.25 12.50
N SER A 205 -3.57 -0.24 13.32
CA SER A 205 -3.50 -0.83 14.67
C SER A 205 -3.96 -2.28 14.66
N PRO A 206 -3.39 -3.11 15.56
CA PRO A 206 -3.66 -4.55 15.57
C PRO A 206 -5.08 -4.97 15.96
N GLU A 207 -5.88 -4.06 16.50
N GLU A 207 -5.89 -4.04 16.47
CA GLU A 207 -7.33 -4.27 16.75
CA GLU A 207 -7.33 -4.26 16.78
C GLU A 207 -8.03 -4.60 15.42
C GLU A 207 -8.17 -4.21 15.49
N HIS A 208 -7.55 -4.01 14.32
CA HIS A 208 -8.24 -4.11 13.00
C HIS A 208 -7.49 -5.10 12.12
N GLY A 209 -8.14 -5.59 11.06
CA GLY A 209 -7.46 -6.26 9.96
C GLY A 209 -6.46 -5.30 9.33
N PRO A 210 -5.63 -5.85 8.43
CA PRO A 210 -4.57 -5.08 7.79
C PRO A 210 -5.19 -3.98 6.91
N VAL A 211 -4.52 -2.85 6.94
CA VAL A 211 -4.79 -1.73 6.02
C VAL A 211 -4.62 -2.23 4.57
N VAL A 212 -5.46 -1.77 3.65
CA VAL A 212 -5.30 -2.02 2.21
C VAL A 212 -4.59 -0.83 1.60
N VAL A 213 -3.46 -1.05 0.95
CA VAL A 213 -2.66 0.04 0.35
C VAL A 213 -2.60 -0.24 -1.15
N HIS A 214 -2.84 0.77 -1.99
CA HIS A 214 -2.69 0.57 -3.45
C HIS A 214 -2.22 1.84 -4.14
N CYS A 215 -1.62 1.65 -5.29
CA CYS A 215 -1.37 2.69 -6.31
C CYS A 215 -1.91 2.05 -7.61
N SER A 216 -1.22 2.15 -8.74
N SER A 216 -1.18 2.19 -8.71
CA SER A 216 -1.71 1.45 -9.96
CA SER A 216 -1.52 1.56 -10.02
C SER A 216 -1.35 -0.04 -9.91
C SER A 216 -1.33 0.03 -9.96
N ALA A 217 -0.06 -0.38 -9.72
CA ALA A 217 0.38 -1.79 -9.70
C ALA A 217 0.39 -2.33 -8.26
N GLY A 218 0.39 -1.45 -7.26
CA GLY A 218 0.56 -1.88 -5.85
C GLY A 218 1.98 -2.28 -5.48
N ILE A 219 3.02 -1.66 -6.06
CA ILE A 219 4.43 -2.05 -5.76
C ILE A 219 5.31 -0.83 -5.55
N GLY A 220 5.06 0.29 -6.23
CA GLY A 220 5.98 1.43 -6.20
C GLY A 220 5.67 2.38 -5.07
N ARG A 221 4.74 3.30 -5.29
CA ARG A 221 4.30 4.25 -4.23
C ARG A 221 3.83 3.45 -3.01
N SER A 222 3.10 2.36 -3.21
CA SER A 222 2.55 1.50 -2.11
C SER A 222 3.72 0.96 -1.27
N GLY A 223 4.77 0.54 -1.95
CA GLY A 223 6.03 0.09 -1.33
C GLY A 223 6.66 1.14 -0.45
N THR A 224 6.71 2.38 -0.94
N THR A 224 6.72 2.38 -0.93
CA THR A 224 7.30 3.53 -0.21
CA THR A 224 7.33 3.51 -0.17
C THR A 224 6.50 3.77 1.07
C THR A 224 6.50 3.71 1.10
N PHE A 225 5.18 3.66 1.00
CA PHE A 225 4.30 3.87 2.16
C PHE A 225 4.68 2.88 3.29
N CYS A 226 4.67 1.57 3.01
N CYS A 226 4.65 1.58 2.98
CA CYS A 226 4.84 0.55 4.09
CA CYS A 226 4.87 0.50 3.98
C CYS A 226 6.32 0.41 4.48
C CYS A 226 6.31 0.57 4.50
N LEU A 227 7.26 0.74 3.59
CA LEU A 227 8.69 0.78 3.96
C LEU A 227 8.92 1.90 5.00
N ALA A 228 8.41 3.10 4.76
CA ALA A 228 8.61 4.24 5.67
C ALA A 228 7.91 3.94 7.01
N ASP A 229 6.68 3.44 6.96
CA ASP A 229 5.95 3.17 8.22
C ASP A 229 6.75 2.16 9.08
N THR A 230 7.14 1.03 8.49
CA THR A 230 7.80 -0.08 9.18
C THR A 230 9.14 0.42 9.73
N CYS A 231 9.96 1.06 8.93
CA CYS A 231 11.27 1.60 9.39
C CYS A 231 11.11 2.55 10.59
N LEU A 232 10.17 3.49 10.56
CA LEU A 232 9.99 4.45 11.67
C LEU A 232 9.53 3.72 12.94
N LEU A 233 8.66 2.71 12.80
N LEU A 233 8.64 2.75 12.79
CA LEU A 233 8.17 1.93 13.97
CA LEU A 233 8.16 1.87 13.90
C LEU A 233 9.33 1.13 14.58
C LEU A 233 9.34 1.16 14.56
N LEU A 234 10.21 0.55 13.75
CA LEU A 234 11.35 -0.22 14.25
C LEU A 234 12.31 0.70 15.00
N MET A 235 12.47 1.94 14.57
CA MET A 235 13.30 2.94 15.28
C MET A 235 12.70 3.27 16.67
N ASP A 236 11.39 3.21 16.86
CA ASP A 236 10.78 3.40 18.20
C ASP A 236 11.02 2.17 19.07
N LYS A 237 11.19 1.01 18.48
CA LYS A 237 11.06 -0.26 19.23
C LYS A 237 12.44 -0.70 19.68
N ARG A 238 13.49 -0.43 18.91
CA ARG A 238 14.84 -1.02 19.15
C ARG A 238 15.65 -0.18 20.14
N LYS A 239 16.50 -0.87 20.92
CA LYS A 239 17.41 -0.20 21.88
C LYS A 239 18.32 0.75 21.10
N ASP A 240 18.80 0.30 19.94
CA ASP A 240 19.64 1.14 19.04
C ASP A 240 18.88 1.44 17.77
N PRO A 241 18.25 2.65 17.65
CA PRO A 241 17.55 3.05 16.43
C PRO A 241 18.36 2.99 15.12
N SER A 242 19.69 3.07 15.17
CA SER A 242 20.55 3.13 13.97
C SER A 242 20.89 1.72 13.49
N SER A 243 20.47 0.67 14.19
CA SER A 243 20.55 -0.73 13.69
C SER A 243 19.52 -0.97 12.57
N VAL A 244 18.65 -0.02 12.29
CA VAL A 244 17.57 -0.20 11.28
C VAL A 244 18.21 0.01 9.91
N ASP A 245 18.29 -1.03 9.10
CA ASP A 245 18.86 -0.93 7.74
C ASP A 245 17.67 -1.01 6.75
N ILE A 246 17.37 0.10 6.07
N ILE A 246 17.36 0.10 6.07
CA ILE A 246 16.23 0.23 5.12
CA ILE A 246 16.27 0.20 5.07
C ILE A 246 16.36 -0.82 3.99
C ILE A 246 16.37 -0.96 4.08
N LYS A 247 17.59 -1.19 3.61
CA LYS A 247 17.86 -2.18 2.53
C LYS A 247 17.40 -3.56 2.99
N LYS A 248 17.68 -3.91 4.25
CA LYS A 248 17.29 -5.21 4.83
C LYS A 248 15.77 -5.26 4.96
N VAL A 249 15.17 -4.16 5.43
CA VAL A 249 13.70 -4.11 5.61
C VAL A 249 13.02 -4.30 4.24
N LEU A 250 13.53 -3.63 3.23
CA LEU A 250 12.95 -3.73 1.87
C LEU A 250 13.05 -5.18 1.38
N LEU A 251 14.19 -5.82 1.58
CA LEU A 251 14.35 -7.22 1.12
C LEU A 251 13.40 -8.13 1.85
N GLU A 252 13.16 -7.90 3.14
N GLU A 252 13.14 -7.89 3.14
CA GLU A 252 12.20 -8.72 3.95
CA GLU A 252 12.15 -8.71 3.89
C GLU A 252 10.79 -8.53 3.37
C GLU A 252 10.78 -8.53 3.23
N MET A 253 10.44 -7.31 2.97
N MET A 253 10.34 -7.28 3.00
CA MET A 253 9.08 -7.00 2.45
CA MET A 253 9.00 -7.02 2.42
C MET A 253 8.92 -7.66 1.08
C MET A 253 8.90 -7.72 1.06
N ARG A 254 9.99 -7.68 0.28
CA ARG A 254 10.00 -8.30 -1.07
C ARG A 254 9.86 -9.82 -0.99
N LYS A 255 9.95 -10.43 0.19
CA LYS A 255 9.62 -11.88 0.27
C LYS A 255 8.12 -12.06 0.07
N PHE A 256 7.33 -10.99 0.30
CA PHE A 256 5.86 -11.08 0.35
C PHE A 256 5.21 -10.57 -0.92
N ARG A 257 5.83 -9.61 -1.58
CA ARG A 257 5.32 -9.12 -2.88
C ARG A 257 6.50 -8.62 -3.70
N MET A 258 6.52 -8.99 -4.98
CA MET A 258 7.64 -8.66 -5.89
C MET A 258 7.65 -7.15 -6.15
N GLY A 259 8.83 -6.62 -6.38
CA GLY A 259 9.01 -5.35 -7.10
C GLY A 259 8.78 -4.14 -6.23
N LEU A 260 8.59 -4.31 -4.92
CA LEU A 260 8.32 -3.14 -4.07
C LEU A 260 9.47 -2.14 -4.21
N ILE A 261 9.11 -0.88 -4.51
CA ILE A 261 10.04 0.23 -4.87
C ILE A 261 10.50 -0.07 -6.30
N GLN A 262 9.99 0.71 -7.23
N GLN A 262 10.00 0.71 -7.25
CA GLN A 262 10.06 0.45 -8.70
CA GLN A 262 10.10 0.38 -8.71
C GLN A 262 11.30 1.12 -9.30
C GLN A 262 11.20 1.21 -9.38
N THR A 263 11.77 2.20 -8.70
CA THR A 263 12.84 3.04 -9.28
C THR A 263 13.81 3.44 -8.18
N ALA A 264 15.01 3.81 -8.63
CA ALA A 264 16.10 4.29 -7.76
C ALA A 264 15.66 5.60 -7.11
N ASP A 265 14.84 6.38 -7.80
CA ASP A 265 14.24 7.61 -7.25
C ASP A 265 13.33 7.29 -6.07
N GLN A 266 12.47 6.28 -6.21
CA GLN A 266 11.59 5.87 -5.08
C GLN A 266 12.43 5.39 -3.89
N LEU A 267 13.53 4.67 -4.15
CA LEU A 267 14.47 4.23 -3.08
C LEU A 267 15.03 5.48 -2.38
N ARG A 268 15.60 6.41 -3.14
CA ARG A 268 16.14 7.67 -2.55
C ARG A 268 15.07 8.37 -1.72
N PHE A 269 13.86 8.49 -2.25
CA PHE A 269 12.74 9.17 -1.55
C PHE A 269 12.42 8.45 -0.23
N SER A 270 12.47 7.12 -0.21
CA SER A 270 12.19 6.30 1.00
C SER A 270 13.22 6.61 2.09
N TYR A 271 14.50 6.65 1.73
CA TYR A 271 15.58 7.06 2.68
C TYR A 271 15.25 8.43 3.27
N LEU A 272 14.96 9.40 2.41
N LEU A 272 14.93 9.39 2.41
CA LEU A 272 14.64 10.81 2.80
CA LEU A 272 14.64 10.79 2.80
C LEU A 272 13.44 10.83 3.74
C LEU A 272 13.42 10.85 3.72
N ALA A 273 12.37 10.11 3.41
CA ALA A 273 11.16 10.09 4.24
C ALA A 273 11.52 9.56 5.62
N VAL A 274 12.29 8.48 5.67
CA VAL A 274 12.62 7.83 6.98
C VAL A 274 13.56 8.76 7.77
N ILE A 275 14.60 9.28 7.12
CA ILE A 275 15.59 10.20 7.75
C ILE A 275 14.83 11.39 8.33
N GLU A 276 13.94 11.97 7.56
CA GLU A 276 13.19 13.18 7.97
C GLU A 276 12.20 12.78 9.04
N GLY A 277 11.53 11.65 8.88
CA GLY A 277 10.52 11.22 9.87
C GLY A 277 11.17 10.96 11.24
N ALA A 278 12.40 10.45 11.26
CA ALA A 278 13.22 10.18 12.48
C ALA A 278 13.39 11.45 13.31
N LYS A 279 13.55 12.63 12.71
CA LYS A 279 13.63 13.93 13.44
C LYS A 279 12.33 14.20 14.23
N PHE A 280 11.15 13.94 13.68
CA PHE A 280 9.84 14.09 14.38
C PHE A 280 9.59 12.95 15.38
N ILE A 281 10.57 12.08 15.65
CA ILE A 281 10.40 10.84 16.45
C ILE A 281 11.58 10.74 17.45
N MET A 282 12.43 11.77 17.53
CA MET A 282 13.69 11.78 18.34
C MET A 282 13.95 13.24 18.78
C TRS B . 3.73 -18.54 4.30
C1 TRS B . 2.89 -18.77 5.55
C2 TRS B . 4.09 -17.05 4.13
C3 TRS B . 3.04 -19.08 3.05
N TRS B . 5.01 -19.31 4.45
O1 TRS B . 3.57 -18.38 6.73
O2 TRS B . 3.05 -16.21 3.63
O3 TRS B . 1.68 -19.43 3.23
H11 TRS B . 2.66 -19.73 5.61
H12 TRS B . 2.05 -18.28 5.48
H21 TRS B . 4.86 -16.97 3.53
H22 TRS B . 4.36 -16.70 5.00
H31 TRS B . 3.53 -19.88 2.74
H32 TRS B . 3.11 -18.42 2.34
HN1 TRS B . 5.11 -19.94 3.80
HN2 TRS B . 5.04 -19.73 5.25
HN3 TRS B . 5.74 -18.76 4.40
HO1 TRS B . 3.05 -18.52 7.40
HO2 TRS B . 3.35 -15.41 3.58
HO3 TRS B . 1.24 -18.67 3.43
C10 JHJ C . 27.44 -1.50 -6.24
N12 JHJ C . 27.22 -1.18 -4.84
C13 JHJ C . 27.49 0.13 -4.25
C15 JHJ C . 28.26 2.40 -4.31
C17 JHJ C . 27.43 1.53 -2.32
C01 JHJ C . 29.25 -4.01 -12.61
C03 JHJ C . 27.76 -3.91 -10.77
C04 JHJ C . 28.49 -4.53 -9.77
C05 JHJ C . 28.29 -4.18 -8.44
C06 JHJ C . 27.35 -3.20 -8.11
C07 JHJ C . 26.61 -2.58 -9.11
C08 JHJ C . 26.81 -2.93 -10.45
C14 JHJ C . 28.05 1.20 -4.96
C18 JHJ C . 27.17 0.30 -2.91
N09 JHJ C . 27.14 -2.83 -6.72
N16 JHJ C . 27.95 2.53 -3.02
O02 JHJ C . 27.96 -4.26 -12.12
O11 JHJ C . 27.85 -0.70 -7.00
H121 JHJ C . 26.85 -1.91 -4.24
H151 JHJ C . 28.68 3.23 -4.84
H171 JHJ C . 27.19 1.69 -1.28
H013 JHJ C . 29.59 -3.04 -12.28
H012 JHJ C . 29.94 -4.78 -12.24
H011 JHJ C . 29.23 -4.05 -13.70
H041 JHJ C . 29.22 -5.28 -10.02
H051 JHJ C . 28.86 -4.66 -7.66
H071 JHJ C . 25.88 -1.83 -8.87
H081 JHJ C . 26.24 -2.45 -11.23
H141 JHJ C . 28.30 1.12 -6.00
H181 JHJ C . 26.74 -0.51 -2.33
H091 JHJ C . 26.78 -3.53 -6.07
#